data_4DC2
#
_entry.id   4DC2
#
_cell.length_a   101.456
_cell.length_b   54.900
_cell.length_c   82.489
_cell.angle_alpha   90.00
_cell.angle_beta   115.18
_cell.angle_gamma   90.00
#
_symmetry.space_group_name_H-M   'C 1 2 1'
#
loop_
_entity.id
_entity.type
_entity.pdbx_description
1 polymer 'Protein kinase C iota type'
2 polymer 'Partitioning defective 3 homolog'
3 non-polymer ADENINE
4 water water
#
loop_
_entity_poly.entity_id
_entity_poly.type
_entity_poly.pdbx_seq_one_letter_code
_entity_poly.pdbx_strand_id
1 'polypeptide(L)'
;MSYYHHHHHHDYDIPTTENLYFQGAMGSGIEEEKEAMNTRESGKASSSLGLQDFDLLRVIGRGSYAKVLLVRLKKTDRIY
AMRVVKKELVNDDEDIDWVQTEKHVFEQASNHPFLVGLHSCFQTESRLFFVIEYVNGGDLMFHMQRQRKLPEEHARFYSA
EISLALNYLHERGIIYRDLKLDNVLLDSEGHIKLTDYGMCKEGLRPGDTTSTFCGTPNYIAPEILRGEDYGFSVDWWALG
VLMFEMMAGRSPFDIVGSSDNPDQNTEDYLFQVILEKQIRIPRSLSVKAASVLKSFLNKDPKERLGCHPQTGFADIQGHP
FFRNVDWDMMEQKQVVPPFKPNISGEFGLDNFDSQFTNEPVQL(TPO)PDDDDIVRKIDQSEFEGFEYINPLLMSAEECV
;
A
2 'polypeptide(L)' DPVLAFQREGFGRQSMSEKRTKQFSNAS Z
#
# COMPACT_ATOMS: atom_id res chain seq x y z
N LEU A 49 19.41 12.96 11.74
CA LEU A 49 19.76 14.17 11.01
C LEU A 49 18.79 15.31 11.33
N GLY A 50 18.56 16.17 10.35
CA GLY A 50 17.67 17.30 10.54
C GLY A 50 17.10 17.89 9.26
N LEU A 51 15.93 18.52 9.41
CA LEU A 51 15.22 19.14 8.30
C LEU A 51 16.14 20.03 7.46
N GLN A 52 17.14 20.63 8.12
CA GLN A 52 18.04 21.56 7.46
C GLN A 52 19.05 20.86 6.57
N ASP A 53 19.21 19.56 6.78
CA ASP A 53 20.09 18.76 5.95
C ASP A 53 19.50 18.59 4.56
N PHE A 54 18.18 18.72 4.47
CA PHE A 54 17.49 18.47 3.22
C PHE A 54 16.90 19.71 2.61
N ASP A 55 16.77 19.67 1.29
CA ASP A 55 16.02 20.66 0.55
C ASP A 55 14.64 20.07 0.18
N LEU A 56 13.57 20.78 0.53
CA LEU A 56 12.20 20.30 0.31
C LEU A 56 11.62 20.77 -1.03
N LEU A 57 11.55 19.86 -2.00
CA LEU A 57 11.22 20.21 -3.38
C LEU A 57 9.73 20.36 -3.73
N ARG A 58 8.96 19.29 -3.58
CA ARG A 58 7.55 19.31 -3.91
C ARG A 58 6.80 18.40 -2.98
N VAL A 59 5.52 18.68 -2.82
CA VAL A 59 4.65 17.73 -2.16
C VAL A 59 4.22 16.72 -3.23
N ILE A 60 4.21 15.44 -2.89
CA ILE A 60 3.82 14.43 -3.87
C ILE A 60 2.71 13.49 -3.40
N GLY A 61 2.25 13.65 -2.15
CA GLY A 61 1.19 12.79 -1.64
C GLY A 61 0.66 13.01 -0.22
N ARG A 62 -0.50 12.42 0.05
CA ARG A 62 -1.10 12.40 1.38
C ARG A 62 -1.29 10.93 1.81
N GLY A 63 -0.37 10.42 2.61
CA GLY A 63 -0.43 9.04 3.07
C GLY A 63 -1.53 8.77 4.07
N SER A 64 -1.45 7.64 4.77
CA SER A 64 -2.49 7.30 5.74
C SER A 64 -2.24 8.05 7.05
N TYR A 65 -0.97 8.35 7.31
CA TYR A 65 -0.59 9.10 8.50
C TYR A 65 0.27 10.30 8.15
N ALA A 66 0.64 10.41 6.89
CA ALA A 66 1.71 11.31 6.50
C ALA A 66 1.41 12.21 5.32
N LYS A 67 2.28 13.18 5.17
CA LYS A 67 2.30 14.04 4.01
C LYS A 67 3.61 13.63 3.38
N VAL A 68 3.61 13.34 2.09
CA VAL A 68 4.82 12.82 1.46
C VAL A 68 5.45 13.89 0.58
N LEU A 69 6.74 14.09 0.78
CA LEU A 69 7.45 15.14 0.06
C LEU A 69 8.59 14.57 -0.74
N LEU A 70 8.96 15.28 -1.81
CA LEU A 70 10.18 15.01 -2.52
C LEU A 70 11.29 15.89 -1.94
N VAL A 71 12.39 15.27 -1.49
CA VAL A 71 13.48 16.03 -0.90
C VAL A 71 14.83 15.63 -1.48
N ARG A 72 15.78 16.55 -1.37
CA ARG A 72 17.15 16.30 -1.76
C ARG A 72 18.06 16.46 -0.55
N LEU A 73 18.86 15.44 -0.28
CA LEU A 73 19.90 15.53 0.73
C LEU A 73 20.94 16.56 0.25
N LYS A 74 20.91 17.77 0.81
CA LYS A 74 21.75 18.87 0.32
C LYS A 74 23.25 18.53 0.32
N LYS A 75 23.70 17.87 1.37
CA LYS A 75 25.09 17.42 1.46
C LYS A 75 25.51 16.49 0.30
N THR A 76 24.55 15.83 -0.33
CA THR A 76 24.85 14.84 -1.38
C THR A 76 24.09 15.09 -2.67
N ASP A 77 23.01 15.88 -2.59
CA ASP A 77 22.14 16.11 -3.72
C ASP A 77 21.48 14.84 -4.22
N ARG A 78 21.45 13.82 -3.36
CA ARG A 78 20.68 12.61 -3.63
C ARG A 78 19.24 12.96 -3.40
N ILE A 79 18.35 12.29 -4.13
CA ILE A 79 16.92 12.54 -3.99
C ILE A 79 16.21 11.39 -3.29
N TYR A 80 15.27 11.75 -2.43
CA TYR A 80 14.53 10.78 -1.64
C TYR A 80 13.09 11.25 -1.48
N ALA A 81 12.22 10.33 -1.09
CA ALA A 81 10.89 10.72 -0.67
C ALA A 81 10.95 10.87 0.85
N MET A 82 10.02 11.63 1.41
CA MET A 82 10.04 11.91 2.84
C MET A 82 8.62 11.89 3.41
N ARG A 83 8.39 11.02 4.38
CA ARG A 83 7.09 10.91 5.01
C ARG A 83 7.14 11.75 6.26
N VAL A 84 6.22 12.70 6.40
CA VAL A 84 6.21 13.54 7.58
C VAL A 84 4.93 13.35 8.37
N VAL A 85 5.11 12.90 9.62
CA VAL A 85 3.98 12.56 10.48
C VAL A 85 3.89 13.51 11.67
N LYS A 86 2.67 13.95 11.94
CA LYS A 86 2.41 14.83 13.08
C LYS A 86 2.37 13.99 14.33
N LYS A 87 3.29 14.26 15.25
CA LYS A 87 3.32 13.53 16.52
C LYS A 87 1.94 13.52 17.20
N GLU A 88 1.19 14.61 16.98
CA GLU A 88 -0.18 14.72 17.47
C GLU A 88 -1.08 13.59 16.94
N LEU A 89 -0.50 12.68 16.15
CA LEU A 89 -1.28 11.60 15.57
C LEU A 89 -0.87 10.20 16.05
N VAL A 90 0.27 10.12 16.74
CA VAL A 90 0.85 8.82 17.08
C VAL A 90 0.90 8.49 18.59
N ASN A 91 1.25 9.46 19.42
CA ASN A 91 1.42 9.25 20.86
C ASN A 91 0.14 8.81 21.57
N ILE A 96 0.05 0.48 22.73
CA ILE A 96 0.55 0.21 21.38
C ILE A 96 1.74 1.10 21.04
N ASP A 97 2.71 0.55 20.29
CA ASP A 97 3.88 1.32 19.88
C ASP A 97 4.02 1.41 18.36
N TRP A 98 3.51 2.51 17.81
CA TRP A 98 3.48 2.75 16.36
C TRP A 98 4.86 2.92 15.77
N VAL A 99 5.67 3.75 16.42
CA VAL A 99 7.02 4.02 15.94
C VAL A 99 7.78 2.71 15.83
N GLN A 100 7.70 1.90 16.90
CA GLN A 100 8.27 0.55 16.90
C GLN A 100 7.83 -0.29 15.69
N THR A 101 6.52 -0.33 15.45
CA THR A 101 5.96 -1.01 14.29
C THR A 101 6.60 -0.50 13.00
N GLU A 102 6.54 0.81 12.80
CA GLU A 102 7.06 1.41 11.59
C GLU A 102 8.52 1.02 11.30
N LYS A 103 9.38 1.15 12.30
CA LYS A 103 10.80 0.87 12.11
C LYS A 103 11.05 -0.62 11.95
N HIS A 104 10.21 -1.43 12.58
CA HIS A 104 10.33 -2.88 12.48
C HIS A 104 10.11 -3.33 11.03
N VAL A 105 9.12 -2.72 10.39
CA VAL A 105 8.78 -3.05 9.02
C VAL A 105 9.80 -2.47 8.05
N PHE A 106 10.24 -1.25 8.29
CA PHE A 106 11.27 -0.68 7.44
C PHE A 106 12.50 -1.58 7.45
N GLU A 107 12.73 -2.25 8.57
CA GLU A 107 13.87 -3.17 8.70
C GLU A 107 13.76 -4.36 7.78
N GLN A 108 12.55 -4.93 7.69
CA GLN A 108 12.31 -6.00 6.73
C GLN A 108 12.48 -5.54 5.29
N ALA A 109 12.16 -4.27 5.04
CA ALA A 109 12.08 -3.76 3.67
C ALA A 109 13.44 -3.69 2.97
N SER A 110 14.51 -3.71 3.75
CA SER A 110 15.84 -3.58 3.18
C SER A 110 16.11 -4.80 2.33
N ASN A 111 15.51 -5.91 2.71
CA ASN A 111 15.93 -7.21 2.21
C ASN A 111 14.99 -7.77 1.17
N HIS A 112 13.99 -6.97 0.80
CA HIS A 112 13.08 -7.36 -0.28
C HIS A 112 12.99 -6.24 -1.30
N PRO A 113 13.02 -6.59 -2.59
CA PRO A 113 12.94 -5.63 -3.70
C PRO A 113 11.58 -4.93 -3.85
N PHE A 114 10.49 -5.55 -3.40
CA PHE A 114 9.16 -4.97 -3.65
C PHE A 114 8.62 -4.22 -2.43
N LEU A 115 9.51 -3.88 -1.50
CA LEU A 115 9.16 -3.08 -0.35
C LEU A 115 10.08 -1.88 -0.25
N VAL A 116 9.49 -0.68 -0.21
CA VAL A 116 10.26 0.55 -0.13
C VAL A 116 11.07 0.54 1.17
N GLY A 117 12.34 0.92 1.07
CA GLY A 117 13.24 0.93 2.21
C GLY A 117 13.54 2.31 2.77
N LEU A 118 14.04 2.33 4.00
CA LEU A 118 14.31 3.55 4.76
C LEU A 118 15.79 3.97 4.63
N HIS A 119 16.01 5.23 4.28
CA HIS A 119 17.34 5.82 4.27
C HIS A 119 17.68 6.33 5.68
N SER A 120 16.75 7.09 6.27
CA SER A 120 16.94 7.67 7.60
C SER A 120 15.67 8.18 8.29
N CYS A 121 15.85 8.76 9.48
CA CYS A 121 14.78 8.96 10.44
C CYS A 121 15.16 10.07 11.44
N PHE A 122 14.37 11.14 11.49
CA PHE A 122 14.65 12.22 12.45
C PHE A 122 13.36 12.88 12.92
N GLN A 123 13.48 13.86 13.81
CA GLN A 123 12.31 14.48 14.43
C GLN A 123 12.52 15.96 14.75
N THR A 124 11.46 16.75 14.60
CA THR A 124 11.40 18.07 15.23
C THR A 124 10.48 17.98 16.43
N GLU A 125 10.10 19.12 16.99
CA GLU A 125 9.28 19.11 18.19
C GLU A 125 7.88 18.61 17.88
N SER A 126 7.42 18.82 16.65
CA SER A 126 6.02 18.52 16.28
C SER A 126 5.83 17.31 15.37
N ARG A 127 6.90 16.89 14.70
CA ARG A 127 6.78 15.91 13.63
C ARG A 127 7.81 14.78 13.65
N LEU A 128 7.45 13.67 12.99
CA LEU A 128 8.38 12.59 12.70
C LEU A 128 8.72 12.67 11.23
N PHE A 129 9.92 12.23 10.86
CA PHE A 129 10.33 12.23 9.47
C PHE A 129 10.95 10.90 9.11
N PHE A 130 10.51 10.33 7.98
CA PHE A 130 11.13 9.12 7.45
C PHE A 130 11.61 9.39 6.03
N VAL A 131 12.91 9.31 5.82
CA VAL A 131 13.44 9.51 4.49
C VAL A 131 13.57 8.15 3.85
N ILE A 132 12.82 7.97 2.77
CA ILE A 132 12.67 6.65 2.16
C ILE A 132 13.14 6.73 0.69
N GLU A 133 13.31 5.58 0.04
CA GLU A 133 13.73 5.62 -1.37
C GLU A 133 12.64 6.22 -2.25
N TYR A 134 13.05 7.04 -3.21
CA TYR A 134 12.12 7.68 -4.12
C TYR A 134 11.74 6.74 -5.30
N VAL A 135 10.44 6.51 -5.48
CA VAL A 135 9.96 5.64 -6.55
C VAL A 135 9.14 6.46 -7.55
N ASN A 136 9.79 6.82 -8.65
CA ASN A 136 9.33 7.88 -9.55
C ASN A 136 8.37 7.41 -10.61
N GLY A 137 7.99 6.14 -10.57
CA GLY A 137 7.05 5.63 -11.55
C GLY A 137 5.61 6.06 -11.30
N GLY A 138 5.30 6.51 -10.10
CA GLY A 138 3.92 6.80 -9.73
C GLY A 138 3.27 5.58 -9.12
N ASP A 139 2.03 5.70 -8.65
CA ASP A 139 1.34 4.56 -8.06
C ASP A 139 0.24 4.00 -8.98
N LEU A 140 -0.35 2.86 -8.63
CA LEU A 140 -1.33 2.21 -9.50
C LEU A 140 -2.67 2.93 -9.56
N MET A 141 -2.96 3.74 -8.56
CA MET A 141 -4.11 4.62 -8.64
C MET A 141 -3.99 5.53 -9.88
N PHE A 142 -2.82 6.16 -10.02
CA PHE A 142 -2.58 7.03 -11.16
C PHE A 142 -2.54 6.24 -12.47
N HIS A 143 -1.85 5.10 -12.46
CA HIS A 143 -1.80 4.22 -13.62
C HIS A 143 -3.20 3.80 -14.10
N MET A 144 -4.11 3.53 -13.16
CA MET A 144 -5.44 3.10 -13.59
C MET A 144 -6.30 4.23 -14.13
N GLN A 145 -6.14 5.42 -13.60
CA GLN A 145 -6.87 6.56 -14.11
C GLN A 145 -6.47 6.83 -15.53
N ARG A 146 -5.18 6.66 -15.80
CA ARG A 146 -4.62 6.90 -17.12
C ARG A 146 -4.86 5.73 -18.06
N GLN A 147 -4.75 4.50 -17.58
CA GLN A 147 -4.87 3.32 -18.46
C GLN A 147 -6.31 2.85 -18.62
N ARG A 148 -7.17 3.24 -17.68
CA ARG A 148 -8.57 2.79 -17.59
C ARG A 148 -8.76 1.32 -17.24
N LYS A 149 -8.09 0.44 -17.97
CA LYS A 149 -8.24 -0.98 -17.75
C LYS A 149 -7.00 -1.71 -18.21
N LEU A 150 -6.56 -2.68 -17.41
CA LEU A 150 -5.33 -3.41 -17.69
C LEU A 150 -5.63 -4.81 -18.25
N PRO A 151 -4.83 -5.26 -19.23
CA PRO A 151 -4.91 -6.63 -19.74
C PRO A 151 -4.52 -7.62 -18.66
N GLU A 152 -5.04 -8.83 -18.75
CA GLU A 152 -4.77 -9.87 -17.77
C GLU A 152 -3.28 -10.09 -17.54
N GLU A 153 -2.49 -9.95 -18.59
CA GLU A 153 -1.06 -10.15 -18.50
C GLU A 153 -0.40 -9.13 -17.60
N HIS A 154 -0.79 -7.86 -17.73
CA HIS A 154 -0.35 -6.83 -16.81
C HIS A 154 -0.78 -7.11 -15.38
N ALA A 155 -2.07 -7.44 -15.20
CA ALA A 155 -2.58 -7.68 -13.85
C ALA A 155 -1.88 -8.87 -13.22
N ARG A 156 -1.50 -9.87 -14.02
CA ARG A 156 -0.85 -11.04 -13.44
C ARG A 156 0.52 -10.68 -12.93
N PHE A 157 1.22 -9.89 -13.74
CA PHE A 157 2.52 -9.41 -13.35
C PHE A 157 2.47 -8.63 -12.03
N TYR A 158 1.58 -7.67 -11.92
CA TYR A 158 1.59 -6.85 -10.71
C TYR A 158 1.17 -7.69 -9.51
N SER A 159 0.19 -8.58 -9.69
CA SER A 159 -0.30 -9.35 -8.56
C SER A 159 0.74 -10.35 -8.10
N ALA A 160 1.48 -10.92 -9.04
CA ALA A 160 2.59 -11.81 -8.66
C ALA A 160 3.55 -11.05 -7.75
N GLU A 161 4.04 -9.91 -8.19
CA GLU A 161 5.00 -9.13 -7.38
C GLU A 161 4.41 -8.68 -6.04
N ILE A 162 3.15 -8.28 -6.07
CA ILE A 162 2.49 -7.98 -4.81
C ILE A 162 2.38 -9.21 -3.89
N SER A 163 2.14 -10.40 -4.45
CA SER A 163 2.01 -11.61 -3.63
C SER A 163 3.31 -11.94 -2.91
N LEU A 164 4.40 -11.89 -3.66
CA LEU A 164 5.74 -12.01 -3.09
C LEU A 164 5.94 -11.11 -1.90
N ALA A 165 5.53 -9.85 -2.04
CA ALA A 165 5.72 -8.86 -1.00
C ALA A 165 4.87 -9.14 0.23
N LEU A 166 3.61 -9.45 0.02
CA LEU A 166 2.73 -9.79 1.13
C LEU A 166 3.25 -11.04 1.83
N ASN A 167 3.56 -12.06 1.04
CA ASN A 167 4.07 -13.27 1.64
C ASN A 167 5.36 -13.04 2.46
N TYR A 168 6.26 -12.20 1.95
CA TYR A 168 7.45 -11.84 2.70
C TYR A 168 7.11 -11.21 4.08
N LEU A 169 6.17 -10.26 4.11
CA LEU A 169 5.77 -9.69 5.40
C LEU A 169 5.16 -10.76 6.32
N HIS A 170 4.28 -11.58 5.76
CA HIS A 170 3.56 -12.57 6.55
C HIS A 170 4.48 -13.57 7.24
N GLU A 171 5.45 -14.09 6.49
CA GLU A 171 6.39 -15.07 7.04
C GLU A 171 7.20 -14.46 8.18
N ARG A 172 7.21 -13.15 8.29
CA ARG A 172 7.90 -12.51 9.40
C ARG A 172 6.94 -11.85 10.40
N GLY A 173 5.72 -12.40 10.50
CA GLY A 173 4.74 -11.97 11.48
C GLY A 173 4.06 -10.61 11.29
N ILE A 174 3.97 -10.14 10.05
CA ILE A 174 3.39 -8.82 9.77
C ILE A 174 2.16 -8.87 8.87
N ILE A 175 1.07 -8.23 9.30
CA ILE A 175 -0.07 -8.01 8.42
C ILE A 175 0.06 -6.60 7.87
N TYR A 176 -0.16 -6.44 6.58
CA TYR A 176 0.05 -5.17 5.94
C TYR A 176 -1.09 -4.20 6.23
N ARG A 177 -2.31 -4.69 6.05
CA ARG A 177 -3.54 -3.99 6.43
C ARG A 177 -3.97 -2.75 5.66
N ASP A 178 -3.16 -2.27 4.73
CA ASP A 178 -3.62 -1.19 3.88
C ASP A 178 -3.18 -1.39 2.43
N LEU A 179 -3.41 -2.59 1.90
CA LEU A 179 -3.13 -2.82 0.48
C LEU A 179 -4.16 -2.12 -0.40
N LYS A 180 -3.71 -1.24 -1.30
CA LYS A 180 -4.64 -0.54 -2.16
C LYS A 180 -3.92 0.11 -3.31
N LEU A 181 -4.68 0.49 -4.34
CA LEU A 181 -4.08 1.03 -5.57
C LEU A 181 -3.04 2.11 -5.29
N ASP A 182 -3.40 3.09 -4.43
CA ASP A 182 -2.55 4.22 -4.04
C ASP A 182 -1.23 3.79 -3.38
N ASN A 183 -1.26 2.65 -2.71
CA ASN A 183 -0.11 2.21 -1.97
C ASN A 183 0.79 1.29 -2.78
N VAL A 184 0.48 1.09 -4.07
CA VAL A 184 1.38 0.34 -4.93
C VAL A 184 2.08 1.28 -5.92
N LEU A 185 3.40 1.31 -5.86
CA LEU A 185 4.21 2.23 -6.61
C LEU A 185 5.01 1.52 -7.69
N LEU A 186 5.22 2.21 -8.80
CA LEU A 186 5.99 1.68 -9.91
C LEU A 186 7.41 2.22 -9.88
N ASP A 187 8.35 1.28 -10.02
CA ASP A 187 9.75 1.52 -10.22
C ASP A 187 9.83 2.18 -11.58
N SER A 188 10.86 2.97 -11.83
CA SER A 188 11.11 3.49 -13.18
C SER A 188 11.21 2.38 -14.23
N GLU A 189 11.75 1.23 -13.84
CA GLU A 189 11.86 0.10 -14.75
C GLU A 189 10.52 -0.60 -14.97
N GLY A 190 9.53 -0.32 -14.12
CA GLY A 190 8.25 -0.97 -14.25
C GLY A 190 7.90 -2.02 -13.21
N HIS A 191 8.79 -2.28 -12.25
CA HIS A 191 8.49 -3.21 -11.15
C HIS A 191 7.73 -2.43 -10.05
N ILE A 192 7.01 -3.15 -9.19
CA ILE A 192 6.19 -2.51 -8.15
C ILE A 192 6.88 -2.46 -6.76
N LYS A 193 6.47 -1.49 -5.94
CA LYS A 193 6.90 -1.40 -4.54
C LYS A 193 5.71 -1.07 -3.65
N LEU A 194 5.57 -1.83 -2.56
CA LEU A 194 4.63 -1.53 -1.50
C LEU A 194 5.19 -0.39 -0.63
N THR A 195 4.42 0.68 -0.46
CA THR A 195 4.83 1.71 0.47
C THR A 195 3.82 1.79 1.60
N ASP A 196 3.98 2.79 2.47
CA ASP A 196 3.02 3.09 3.54
C ASP A 196 2.77 1.96 4.56
N TYR A 197 3.46 2.05 5.68
CA TYR A 197 3.41 0.99 6.67
C TYR A 197 2.52 1.37 7.85
N GLY A 198 1.88 2.55 7.75
CA GLY A 198 1.06 3.12 8.80
C GLY A 198 0.13 2.18 9.54
N MET A 199 -0.57 1.31 8.81
CA MET A 199 -1.56 0.43 9.42
C MET A 199 -1.03 -0.97 9.72
N CYS A 200 0.27 -1.17 9.60
CA CYS A 200 0.82 -2.51 9.81
C CYS A 200 0.68 -3.03 11.22
N LYS A 201 0.49 -4.33 11.31
CA LYS A 201 0.53 -5.02 12.58
C LYS A 201 1.69 -6.02 12.52
N GLU A 202 2.66 -5.88 13.42
CA GLU A 202 3.77 -6.81 13.47
C GLU A 202 3.79 -7.70 14.73
N GLY A 203 4.67 -8.70 14.74
CA GLY A 203 4.83 -9.60 15.87
C GLY A 203 3.82 -10.75 15.89
N LEU A 204 3.00 -10.84 14.85
CA LEU A 204 1.95 -11.84 14.82
C LEU A 204 2.56 -13.24 14.66
N ARG A 205 2.29 -14.11 15.63
CA ARG A 205 2.72 -15.51 15.58
C ARG A 205 1.61 -16.43 15.06
N PRO A 206 1.93 -17.70 14.73
CA PRO A 206 0.89 -18.61 14.25
C PRO A 206 -0.20 -18.84 15.29
N GLY A 207 -1.46 -18.70 14.89
CA GLY A 207 -2.58 -18.83 15.82
C GLY A 207 -2.83 -17.52 16.54
N ASP A 208 -1.91 -16.57 16.35
CA ASP A 208 -2.11 -15.22 16.84
C ASP A 208 -3.10 -14.51 15.92
N THR A 209 -3.86 -13.60 16.52
CA THR A 209 -4.88 -12.89 15.78
C THR A 209 -4.95 -11.46 16.29
N THR A 210 -5.54 -10.57 15.49
CA THR A 210 -5.85 -9.24 15.98
C THR A 210 -7.30 -8.89 15.68
N SER A 211 -7.75 -7.76 16.20
CA SER A 211 -9.16 -7.41 16.12
C SER A 211 -9.35 -5.93 15.76
N THR A 212 -8.25 -5.19 15.69
CA THR A 212 -8.27 -3.77 15.34
C THR A 212 -9.06 -3.49 14.05
N PHE A 213 -10.05 -2.61 14.12
CA PHE A 213 -10.84 -2.26 12.95
C PHE A 213 -10.19 -1.11 12.22
N CYS A 214 -9.59 -1.40 11.08
CA CYS A 214 -8.90 -0.35 10.32
C CYS A 214 -8.64 -0.81 8.89
N GLY A 215 -8.30 0.15 8.04
CA GLY A 215 -7.97 -0.12 6.65
C GLY A 215 -8.69 0.89 5.79
N THR A 216 -8.76 0.62 4.50
CA THR A 216 -9.52 1.47 3.60
C THR A 216 -10.80 0.74 3.24
N PRO A 217 -11.95 1.40 3.47
CA PRO A 217 -13.24 0.69 3.41
C PRO A 217 -13.39 -0.12 2.12
N ASN A 218 -13.01 0.46 1.00
CA ASN A 218 -13.12 -0.28 -0.26
C ASN A 218 -12.46 -1.65 -0.22
N TYR A 219 -11.45 -1.83 0.62
CA TYR A 219 -10.64 -3.04 0.63
C TYR A 219 -10.77 -3.83 1.92
N ILE A 220 -11.62 -3.36 2.82
CA ILE A 220 -11.75 -4.00 4.11
C ILE A 220 -12.39 -5.38 4.01
N ALA A 221 -11.71 -6.37 4.54
CA ALA A 221 -12.21 -7.76 4.53
C ALA A 221 -13.47 -7.98 5.35
N PRO A 222 -14.31 -8.87 4.86
CA PRO A 222 -15.56 -9.24 5.51
C PRO A 222 -15.38 -9.63 7.00
N GLU A 223 -14.36 -10.41 7.32
CA GLU A 223 -14.13 -10.79 8.72
C GLU A 223 -13.91 -9.60 9.66
N ILE A 224 -13.36 -8.51 9.13
CA ILE A 224 -13.19 -7.31 9.95
C ILE A 224 -14.53 -6.62 10.20
N LEU A 225 -15.31 -6.52 9.13
CA LEU A 225 -16.64 -5.95 9.20
C LEU A 225 -17.56 -6.71 10.14
N ARG A 226 -17.38 -8.03 10.23
CA ARG A 226 -18.19 -8.83 11.14
C ARG A 226 -17.67 -8.71 12.56
N GLY A 227 -16.53 -8.03 12.72
CA GLY A 227 -15.90 -7.90 14.01
C GLY A 227 -15.23 -9.16 14.54
N GLU A 228 -14.79 -10.05 13.65
CA GLU A 228 -14.00 -11.21 14.07
C GLU A 228 -12.54 -10.83 14.31
N ASP A 229 -11.83 -11.69 15.04
CA ASP A 229 -10.39 -11.60 15.11
C ASP A 229 -9.91 -12.12 13.77
N TYR A 230 -8.76 -11.67 13.31
CA TYR A 230 -8.31 -11.97 11.96
C TYR A 230 -6.80 -12.01 11.88
N GLY A 231 -6.29 -12.63 10.83
CA GLY A 231 -4.86 -12.67 10.60
C GLY A 231 -4.51 -12.17 9.21
N PHE A 232 -3.45 -12.73 8.64
CA PHE A 232 -3.00 -12.43 7.28
C PHE A 232 -4.08 -12.44 6.21
N SER A 233 -5.17 -13.14 6.48
CA SER A 233 -6.20 -13.40 5.47
C SER A 233 -6.70 -12.12 4.83
N VAL A 234 -6.67 -11.02 5.59
CA VAL A 234 -7.25 -9.77 5.11
C VAL A 234 -6.44 -9.12 3.96
N ASP A 235 -5.14 -9.36 3.93
CA ASP A 235 -4.33 -8.85 2.84
C ASP A 235 -4.73 -9.54 1.53
N TRP A 236 -4.89 -10.86 1.57
CA TRP A 236 -5.31 -11.60 0.39
C TRP A 236 -6.68 -11.13 -0.16
N TRP A 237 -7.63 -10.87 0.72
CA TRP A 237 -8.88 -10.24 0.32
C TRP A 237 -8.61 -8.94 -0.43
N ALA A 238 -7.85 -8.06 0.21
CA ALA A 238 -7.50 -6.78 -0.36
C ALA A 238 -6.85 -6.99 -1.73
N LEU A 239 -5.99 -8.00 -1.85
CA LEU A 239 -5.37 -8.25 -3.14
C LEU A 239 -6.43 -8.60 -4.17
N GLY A 240 -7.38 -9.43 -3.75
CA GLY A 240 -8.56 -9.77 -4.51
C GLY A 240 -9.25 -8.56 -5.12
N VAL A 241 -9.63 -7.61 -4.25
CA VAL A 241 -10.28 -6.38 -4.69
C VAL A 241 -9.38 -5.63 -5.70
N LEU A 242 -8.10 -5.62 -5.42
CA LEU A 242 -7.15 -4.87 -6.21
C LEU A 242 -6.99 -5.47 -7.62
N MET A 243 -6.99 -6.80 -7.71
CA MET A 243 -6.89 -7.48 -9.00
C MET A 243 -8.17 -7.24 -9.79
N PHE A 244 -9.29 -7.21 -9.09
CA PHE A 244 -10.56 -6.97 -9.75
C PHE A 244 -10.54 -5.60 -10.41
N GLU A 245 -10.07 -4.61 -9.64
CA GLU A 245 -9.94 -3.25 -10.15
C GLU A 245 -9.01 -3.14 -11.37
N MET A 246 -7.92 -3.89 -11.40
CA MET A 246 -6.99 -3.80 -12.53
C MET A 246 -7.62 -4.33 -13.81
N MET A 247 -8.34 -5.45 -13.69
CA MET A 247 -8.85 -6.15 -14.88
C MET A 247 -10.22 -5.68 -15.32
N ALA A 248 -11.02 -5.16 -14.40
CA ALA A 248 -12.36 -4.68 -14.77
C ALA A 248 -12.45 -3.16 -14.86
N GLY A 249 -11.37 -2.45 -14.48
CA GLY A 249 -11.36 -1.00 -14.54
C GLY A 249 -12.30 -0.32 -13.54
N ARG A 250 -12.80 -1.06 -12.54
CA ARG A 250 -13.58 -0.44 -11.47
C ARG A 250 -13.62 -1.32 -10.23
N SER A 251 -13.99 -0.71 -9.11
CA SER A 251 -14.25 -1.46 -7.90
C SER A 251 -15.39 -2.46 -8.07
N PRO A 252 -15.22 -3.63 -7.47
CA PRO A 252 -16.28 -4.65 -7.42
C PRO A 252 -17.54 -4.17 -6.65
N PHE A 253 -17.49 -3.00 -6.01
CA PHE A 253 -18.66 -2.44 -5.33
C PHE A 253 -19.11 -1.15 -6.02
N ASP A 254 -20.25 -1.24 -6.70
CA ASP A 254 -20.69 -0.20 -7.60
C ASP A 254 -20.69 1.23 -7.07
N ILE A 255 -21.08 1.42 -5.81
CA ILE A 255 -21.15 2.76 -5.23
C ILE A 255 -19.79 3.44 -5.14
N VAL A 256 -18.73 2.64 -5.04
CA VAL A 256 -17.39 3.20 -5.13
C VAL A 256 -17.09 3.42 -6.61
N GLY A 257 -16.89 4.67 -7.00
CA GLY A 257 -16.66 5.01 -8.40
C GLY A 257 -17.86 5.63 -9.12
N SER A 258 -18.99 5.71 -8.43
CA SER A 258 -20.21 6.26 -9.01
C SER A 258 -20.30 7.77 -8.81
N ASN A 265 -24.90 9.16 0.74
CA ASN A 265 -24.14 7.91 0.70
C ASN A 265 -23.06 7.82 1.80
N THR A 266 -23.20 6.79 2.64
CA THR A 266 -22.40 6.58 3.85
C THR A 266 -21.51 5.33 3.77
N GLU A 267 -20.44 5.32 4.56
CA GLU A 267 -19.52 4.20 4.58
C GLU A 267 -20.21 2.94 5.10
N ASP A 268 -21.17 3.13 5.98
CA ASP A 268 -21.89 2.00 6.55
C ASP A 268 -22.61 1.21 5.50
N TYR A 269 -23.16 1.90 4.52
CA TYR A 269 -23.79 1.22 3.42
C TYR A 269 -22.74 0.40 2.65
N LEU A 270 -21.61 1.04 2.32
CA LEU A 270 -20.50 0.29 1.73
C LEU A 270 -20.20 -1.00 2.49
N PHE A 271 -20.10 -0.93 3.82
CA PHE A 271 -19.84 -2.14 4.61
C PHE A 271 -20.93 -3.19 4.42
N GLN A 272 -22.17 -2.73 4.33
CA GLN A 272 -23.24 -3.67 4.07
C GLN A 272 -23.10 -4.29 2.68
N VAL A 273 -22.79 -3.47 1.69
CA VAL A 273 -22.71 -3.96 0.32
C VAL A 273 -21.65 -5.04 0.24
N ILE A 274 -20.53 -4.80 0.92
CA ILE A 274 -19.42 -5.72 0.97
C ILE A 274 -19.82 -7.07 1.56
N LEU A 275 -20.57 -7.05 2.66
CA LEU A 275 -20.96 -8.27 3.33
C LEU A 275 -22.09 -9.01 2.63
N GLU A 276 -22.90 -8.26 1.89
CA GLU A 276 -24.15 -8.82 1.37
C GLU A 276 -24.15 -9.16 -0.11
N LYS A 277 -23.60 -8.29 -0.96
CA LYS A 277 -23.73 -8.53 -2.38
C LYS A 277 -22.77 -9.60 -2.86
N GLN A 278 -23.27 -10.47 -3.71
CA GLN A 278 -22.41 -11.38 -4.43
C GLN A 278 -21.72 -10.59 -5.53
N ILE A 279 -20.41 -10.65 -5.59
CA ILE A 279 -19.72 -9.92 -6.63
C ILE A 279 -19.92 -10.55 -8.01
N ARG A 280 -20.04 -9.70 -9.03
CA ARG A 280 -20.24 -10.16 -10.40
C ARG A 280 -19.02 -9.92 -11.33
N ILE A 281 -18.34 -10.99 -11.71
CA ILE A 281 -17.21 -10.89 -12.62
C ILE A 281 -17.63 -10.67 -14.09
N PRO A 282 -17.08 -9.63 -14.71
CA PRO A 282 -17.21 -9.36 -16.16
C PRO A 282 -16.90 -10.63 -16.93
N ARG A 283 -17.77 -10.98 -17.85
CA ARG A 283 -17.72 -12.28 -18.51
C ARG A 283 -16.71 -12.31 -19.65
N SER A 284 -16.21 -11.12 -20.01
CA SER A 284 -15.15 -11.00 -20.99
C SER A 284 -13.88 -11.62 -20.46
N LEU A 285 -13.73 -11.62 -19.13
CA LEU A 285 -12.52 -12.16 -18.54
C LEU A 285 -12.41 -13.66 -18.77
N SER A 286 -11.18 -14.13 -18.84
CA SER A 286 -10.92 -15.55 -19.01
CA SER A 286 -10.93 -15.54 -19.01
C SER A 286 -11.32 -16.32 -17.75
N VAL A 287 -11.60 -17.60 -17.90
CA VAL A 287 -11.94 -18.44 -16.75
C VAL A 287 -10.85 -18.45 -15.65
N LYS A 288 -9.58 -18.45 -16.05
CA LYS A 288 -8.46 -18.32 -15.11
C LYS A 288 -8.66 -17.07 -14.24
N ALA A 289 -8.68 -15.91 -14.88
CA ALA A 289 -8.80 -14.63 -14.20
C ALA A 289 -10.01 -14.62 -13.24
N ALA A 290 -11.18 -14.91 -13.79
CA ALA A 290 -12.42 -15.08 -13.02
C ALA A 290 -12.26 -15.95 -11.78
N SER A 291 -11.64 -17.10 -11.97
CA SER A 291 -11.50 -18.06 -10.90
C SER A 291 -10.60 -17.55 -9.75
N VAL A 292 -9.58 -16.77 -10.09
CA VAL A 292 -8.65 -16.31 -9.09
C VAL A 292 -9.35 -15.23 -8.27
N LEU A 293 -10.20 -14.44 -8.94
CA LEU A 293 -10.92 -13.35 -8.30
C LEU A 293 -11.95 -13.85 -7.30
N LYS A 294 -12.65 -14.92 -7.66
CA LYS A 294 -13.67 -15.47 -6.77
C LYS A 294 -13.00 -16.24 -5.64
N SER A 295 -11.83 -16.81 -5.92
CA SER A 295 -11.06 -17.47 -4.87
C SER A 295 -10.56 -16.49 -3.81
N PHE A 296 -10.08 -15.32 -4.24
CA PHE A 296 -9.64 -14.29 -3.31
C PHE A 296 -10.82 -13.56 -2.69
N LEU A 297 -11.94 -13.50 -3.41
CA LEU A 297 -13.06 -12.73 -2.89
C LEU A 297 -14.11 -13.65 -2.31
N ASN A 298 -13.64 -14.77 -1.76
CA ASN A 298 -14.45 -15.61 -0.92
C ASN A 298 -14.59 -14.94 0.46
N LYS A 299 -15.82 -14.71 0.89
CA LYS A 299 -16.05 -13.93 2.11
C LYS A 299 -15.70 -14.71 3.38
N ASP A 300 -15.57 -16.02 3.27
CA ASP A 300 -15.09 -16.83 4.39
C ASP A 300 -13.56 -17.00 4.35
N PRO A 301 -12.86 -16.29 5.24
CA PRO A 301 -11.40 -16.30 5.26
C PRO A 301 -10.84 -17.72 5.44
N LYS A 302 -11.64 -18.60 6.03
CA LYS A 302 -11.21 -19.98 6.20
C LYS A 302 -10.98 -20.66 4.84
N GLU A 303 -11.83 -20.34 3.88
CA GLU A 303 -11.77 -21.00 2.57
C GLU A 303 -11.19 -20.15 1.44
N ARG A 304 -10.66 -18.98 1.76
CA ARG A 304 -10.18 -18.00 0.78
C ARG A 304 -8.79 -18.33 0.27
N LEU A 305 -8.53 -18.03 -1.00
CA LEU A 305 -7.23 -18.29 -1.61
C LEU A 305 -6.13 -17.61 -0.81
N GLY A 306 -5.05 -18.37 -0.58
CA GLY A 306 -3.87 -17.89 0.10
C GLY A 306 -3.92 -18.05 1.60
N CYS A 307 -5.08 -18.38 2.15
CA CYS A 307 -5.28 -18.23 3.59
C CYS A 307 -5.10 -19.47 4.46
N HIS A 308 -4.90 -20.64 3.87
CA HIS A 308 -4.61 -21.81 4.68
C HIS A 308 -3.26 -21.61 5.38
N PRO A 309 -3.16 -22.02 6.66
CA PRO A 309 -1.97 -21.78 7.49
C PRO A 309 -0.69 -22.43 7.01
N GLN A 310 -0.79 -23.52 6.26
CA GLN A 310 0.40 -24.25 5.82
C GLN A 310 0.70 -24.07 4.34
N THR A 311 -0.34 -24.03 3.51
CA THR A 311 -0.18 -24.10 2.05
C THR A 311 -0.57 -22.81 1.31
N GLY A 312 -1.00 -21.80 2.06
CA GLY A 312 -1.54 -20.57 1.52
C GLY A 312 -0.82 -19.92 0.34
N PHE A 313 0.47 -19.68 0.49
CA PHE A 313 1.23 -19.12 -0.63
C PHE A 313 1.39 -20.11 -1.76
N ALA A 314 1.61 -21.38 -1.43
CA ALA A 314 1.73 -22.40 -2.46
C ALA A 314 0.46 -22.46 -3.28
N ASP A 315 -0.68 -22.45 -2.58
CA ASP A 315 -1.99 -22.46 -3.25
C ASP A 315 -2.11 -21.35 -4.31
N ILE A 316 -1.71 -20.13 -3.96
CA ILE A 316 -1.67 -19.03 -4.91
C ILE A 316 -0.79 -19.38 -6.10
N GLN A 317 0.41 -19.83 -5.79
CA GLN A 317 1.39 -20.08 -6.82
C GLN A 317 0.98 -21.23 -7.71
N GLY A 318 0.16 -22.13 -7.14
CA GLY A 318 -0.34 -23.28 -7.87
C GLY A 318 -1.60 -22.96 -8.66
N HIS A 319 -2.17 -21.78 -8.47
CA HIS A 319 -3.39 -21.41 -9.19
C HIS A 319 -3.12 -21.28 -10.69
N PRO A 320 -4.08 -21.70 -11.53
CA PRO A 320 -3.99 -21.62 -13.00
C PRO A 320 -3.71 -20.22 -13.54
N PHE A 321 -4.28 -19.20 -12.90
CA PHE A 321 -3.97 -17.82 -13.28
C PHE A 321 -2.49 -17.48 -13.21
N PHE A 322 -1.78 -18.09 -12.25
CA PHE A 322 -0.35 -17.78 -12.04
C PHE A 322 0.58 -18.85 -12.62
N ARG A 323 -0.01 -19.92 -13.15
CA ARG A 323 0.76 -21.03 -13.74
C ARG A 323 1.77 -20.49 -14.76
N ASN A 324 1.48 -19.30 -15.26
CA ASN A 324 2.33 -18.67 -16.27
C ASN A 324 3.50 -17.89 -15.64
N VAL A 325 3.76 -18.11 -14.36
CA VAL A 325 4.72 -17.31 -13.61
C VAL A 325 5.91 -18.12 -13.11
N ASP A 326 7.11 -17.65 -13.43
CA ASP A 326 8.34 -18.21 -12.87
C ASP A 326 8.67 -17.42 -11.60
N TRP A 327 8.16 -17.90 -10.47
CA TRP A 327 8.17 -17.09 -9.24
C TRP A 327 9.57 -16.62 -8.80
N ASP A 328 10.57 -17.50 -8.87
CA ASP A 328 11.90 -17.12 -8.41
C ASP A 328 12.63 -16.16 -9.37
N MET A 329 12.40 -16.30 -10.67
CA MET A 329 12.95 -15.31 -11.59
C MET A 329 12.27 -13.97 -11.29
N MET A 330 11.01 -14.07 -10.90
CA MET A 330 10.22 -12.90 -10.52
C MET A 330 10.80 -12.23 -9.26
N GLU A 331 10.97 -13.00 -8.20
CA GLU A 331 11.49 -12.42 -6.97
C GLU A 331 12.83 -11.74 -7.21
N GLN A 332 13.57 -12.23 -8.21
CA GLN A 332 14.87 -11.67 -8.55
C GLN A 332 14.81 -10.55 -9.57
N LYS A 333 13.60 -10.14 -9.96
CA LYS A 333 13.44 -9.05 -10.90
C LYS A 333 14.10 -9.35 -12.24
N GLN A 334 13.90 -10.56 -12.73
CA GLN A 334 14.52 -10.94 -13.99
C GLN A 334 13.47 -11.16 -15.06
N VAL A 335 12.20 -11.05 -14.66
CA VAL A 335 11.10 -11.00 -15.61
C VAL A 335 10.96 -9.54 -16.02
N VAL A 336 10.64 -9.30 -17.29
CA VAL A 336 10.56 -7.95 -17.83
C VAL A 336 9.17 -7.34 -17.68
N PRO A 337 9.09 -6.15 -17.05
CA PRO A 337 7.77 -5.57 -16.84
C PRO A 337 7.04 -5.31 -18.15
N PRO A 338 5.73 -5.51 -18.16
CA PRO A 338 4.92 -5.33 -19.36
C PRO A 338 4.78 -3.86 -19.72
N PHE A 339 5.19 -2.98 -18.82
CA PHE A 339 5.03 -1.55 -19.05
C PHE A 339 6.14 -0.74 -18.38
N LYS A 340 6.72 0.20 -19.11
CA LYS A 340 7.83 0.98 -18.59
C LYS A 340 7.44 2.44 -18.39
N PRO A 341 7.32 2.87 -17.14
CA PRO A 341 6.88 4.23 -16.86
C PRO A 341 7.66 5.22 -17.72
N ASN A 342 7.01 6.28 -18.18
CA ASN A 342 7.73 7.34 -18.87
C ASN A 342 8.26 8.38 -17.90
N ILE A 343 9.58 8.46 -17.79
CA ILE A 343 10.19 9.43 -16.90
C ILE A 343 10.39 10.76 -17.63
N SER A 344 9.77 11.82 -17.11
CA SER A 344 9.79 13.10 -17.78
C SER A 344 11.21 13.66 -17.90
N GLY A 345 11.99 13.47 -16.84
CA GLY A 345 13.29 14.11 -16.73
C GLY A 345 13.19 15.26 -15.74
N GLU A 346 11.95 15.66 -15.49
CA GLU A 346 11.64 16.70 -14.52
C GLU A 346 11.49 16.09 -13.13
N PHE A 347 12.20 14.98 -12.91
CA PHE A 347 12.09 14.17 -11.69
C PHE A 347 11.02 13.07 -11.85
N GLY A 348 10.29 13.13 -12.95
CA GLY A 348 9.17 12.23 -13.16
C GLY A 348 7.97 12.69 -12.36
N LEU A 349 8.00 13.94 -11.91
CA LEU A 349 6.87 14.53 -11.18
C LEU A 349 5.57 14.50 -11.98
N ASP A 350 5.69 14.26 -13.29
CA ASP A 350 4.53 14.14 -14.16
C ASP A 350 3.66 12.95 -13.75
N ASN A 351 4.30 11.95 -13.16
CA ASN A 351 3.64 10.77 -12.65
C ASN A 351 2.98 10.95 -11.28
N PHE A 352 2.79 12.19 -10.84
CA PHE A 352 2.09 12.42 -9.58
C PHE A 352 0.91 13.37 -9.73
N ASP A 353 -0.17 13.07 -9.03
CA ASP A 353 -1.36 13.87 -9.11
C ASP A 353 -1.00 15.33 -8.85
N SER A 354 -1.51 16.21 -9.71
CA SER A 354 -1.19 17.64 -9.58
C SER A 354 -1.76 18.23 -8.32
N GLN A 355 -2.86 17.67 -7.84
CA GLN A 355 -3.46 18.21 -6.63
C GLN A 355 -2.47 18.14 -5.47
N PHE A 356 -1.33 17.51 -5.71
CA PHE A 356 -0.23 17.50 -4.74
C PHE A 356 0.87 18.41 -5.21
N THR A 357 1.35 18.14 -6.43
CA THR A 357 2.52 18.85 -6.96
C THR A 357 2.30 20.35 -7.13
N ASN A 358 1.05 20.80 -7.02
CA ASN A 358 0.78 22.22 -7.12
C ASN A 358 0.55 22.84 -5.76
N GLU A 359 1.30 22.34 -4.78
CA GLU A 359 1.18 22.80 -3.42
C GLU A 359 2.47 23.40 -2.93
N PRO A 360 2.36 24.52 -2.21
CA PRO A 360 3.54 25.06 -1.53
C PRO A 360 4.12 23.97 -0.63
N VAL A 361 5.43 23.82 -0.65
CA VAL A 361 6.11 22.81 0.14
C VAL A 361 6.20 23.22 1.62
N GLN A 362 5.50 24.28 1.98
CA GLN A 362 5.55 24.83 3.34
C GLN A 362 4.91 23.94 4.40
N LEU A 363 5.62 23.77 5.50
CA LEU A 363 5.09 23.11 6.69
C LEU A 363 4.24 24.08 7.50
N PRO A 365 2.98 25.77 10.56
CA PRO A 365 3.55 26.04 11.89
C PRO A 365 2.77 25.35 13.01
N ASP A 366 3.47 24.91 14.05
CA ASP A 366 2.86 24.16 15.14
C ASP A 366 2.18 25.05 16.17
N ASP A 367 1.12 24.54 16.80
CA ASP A 367 0.40 25.26 17.86
C ASP A 367 0.90 24.91 19.26
N ASP A 368 1.60 25.86 19.89
CA ASP A 368 2.30 25.62 21.17
C ASP A 368 1.43 25.02 22.28
N ASP A 369 0.12 25.03 22.07
CA ASP A 369 -0.82 24.42 23.02
C ASP A 369 -0.72 22.89 22.95
N ILE A 370 -0.59 22.38 21.73
CA ILE A 370 -0.46 20.95 21.48
C ILE A 370 0.99 20.48 21.60
N VAL A 371 1.92 21.25 21.06
CA VAL A 371 3.34 20.85 21.08
C VAL A 371 3.85 20.53 22.48
N ARG A 372 3.63 21.44 23.42
CA ARG A 372 4.07 21.22 24.80
C ARG A 372 3.24 20.11 25.45
N LYS A 373 2.07 19.83 24.90
CA LYS A 373 1.15 18.85 25.48
C LYS A 373 1.23 17.46 24.82
N ILE A 374 2.44 17.06 24.42
CA ILE A 374 2.69 15.75 23.83
C ILE A 374 3.97 15.15 24.39
N ASP A 375 3.92 13.88 24.81
CA ASP A 375 5.06 13.24 25.46
C ASP A 375 6.21 12.94 24.50
N GLN A 376 7.24 13.78 24.53
CA GLN A 376 8.40 13.59 23.67
C GLN A 376 9.17 12.33 24.06
N SER A 377 8.71 11.67 25.11
CA SER A 377 9.39 10.50 25.66
C SER A 377 9.05 9.23 24.90
N GLU A 378 7.85 9.17 24.33
CA GLU A 378 7.48 8.05 23.48
C GLU A 378 8.30 8.07 22.20
N PHE A 379 9.22 9.04 22.09
CA PHE A 379 10.02 9.22 20.88
C PHE A 379 11.53 9.29 21.14
N GLU A 380 12.00 8.65 22.19
CA GLU A 380 13.42 8.68 22.51
C GLU A 380 14.22 7.76 21.59
N GLY A 381 15.39 8.24 21.18
CA GLY A 381 16.29 7.46 20.34
C GLY A 381 15.62 7.02 19.07
N PHE A 382 14.94 7.96 18.42
CA PHE A 382 14.23 7.69 17.17
C PHE A 382 15.13 7.91 15.96
N GLU A 383 16.03 8.89 16.05
CA GLU A 383 16.96 9.18 14.96
C GLU A 383 17.65 7.90 14.47
N TYR A 384 17.89 7.81 13.17
CA TYR A 384 18.44 6.60 12.57
C TYR A 384 19.01 6.84 11.18
N ILE A 385 20.02 6.05 10.83
CA ILE A 385 20.57 6.01 9.47
C ILE A 385 20.80 4.57 9.06
N ASN A 386 20.29 4.19 7.89
CA ASN A 386 20.57 2.88 7.37
C ASN A 386 21.99 2.82 6.83
N PRO A 387 22.74 1.78 7.22
CA PRO A 387 24.10 1.57 6.70
C PRO A 387 24.11 1.21 5.20
N PRO B 2 -17.98 3.99 -16.60
CA PRO B 2 -17.76 4.84 -15.42
C PRO B 2 -16.51 5.71 -15.60
N VAL B 3 -16.70 6.99 -15.87
CA VAL B 3 -15.58 7.92 -16.06
C VAL B 3 -14.83 8.15 -14.75
N LEU B 4 -15.58 8.30 -13.66
CA LEU B 4 -14.96 8.55 -12.37
C LEU B 4 -14.79 7.25 -11.56
N ALA B 5 -14.26 6.21 -12.19
CA ALA B 5 -14.16 4.91 -11.53
C ALA B 5 -13.21 4.95 -10.35
N PHE B 6 -12.02 5.51 -10.55
CA PHE B 6 -11.04 5.60 -9.47
C PHE B 6 -10.79 7.06 -9.12
N GLN B 7 -11.30 7.47 -7.95
CA GLN B 7 -11.13 8.86 -7.51
C GLN B 7 -10.25 8.83 -6.29
N ARG B 8 -9.11 9.49 -6.38
CA ARG B 8 -8.17 9.45 -5.30
C ARG B 8 -8.82 10.06 -4.05
N GLU B 9 -8.84 9.30 -2.97
CA GLU B 9 -9.35 9.79 -1.70
C GLU B 9 -10.83 10.17 -1.79
N GLY B 10 -11.55 9.55 -2.73
CA GLY B 10 -12.98 9.72 -2.79
C GLY B 10 -13.72 8.80 -1.82
N PHE B 11 -15.02 8.70 -2.02
CA PHE B 11 -15.83 7.79 -1.25
C PHE B 11 -15.24 6.38 -1.18
N GLY B 12 -15.03 5.93 0.06
CA GLY B 12 -14.55 4.59 0.31
C GLY B 12 -13.07 4.37 0.09
N ARG B 13 -12.36 5.38 -0.38
CA ARG B 13 -10.93 5.21 -0.64
C ARG B 13 -10.08 5.91 0.38
N GLN B 14 -10.71 6.36 1.46
CA GLN B 14 -9.99 7.05 2.52
C GLN B 14 -9.67 6.10 3.67
N SER B 15 -8.40 6.12 4.07
CA SER B 15 -7.90 5.25 5.12
C SER B 15 -8.50 5.63 6.48
N MET B 16 -8.71 4.64 7.34
CA MET B 16 -9.30 4.91 8.66
C MET B 16 -8.95 3.87 9.73
N SER B 17 -8.91 4.31 10.98
CA SER B 17 -8.59 3.43 12.11
C SER B 17 -9.35 3.83 13.37
#